data_7OS8
#
_entry.id   7OS8
#
_entity_poly.entity_id   1
_entity_poly.type   'polypeptide(L)'
_entity_poly.pdbx_seq_one_letter_code
;FVPWFSKF(DLE)GRIL(NH2)
;
_entity_poly.pdbx_strand_id   A
#
# COMPACT_ATOMS: atom_id res chain seq x y z
N PHE A 1 -2.78 -5.58 -5.50
CA PHE A 1 -3.41 -4.67 -6.50
C PHE A 1 -2.88 -3.22 -6.29
N VAL A 2 -2.70 -2.43 -7.37
CA VAL A 2 -2.42 -0.96 -7.29
C VAL A 2 -0.96 -0.61 -6.75
N PRO A 3 -0.13 0.33 -7.32
CA PRO A 3 1.20 0.70 -6.73
C PRO A 3 1.13 1.52 -5.39
N TRP A 4 0.33 2.60 -5.37
CA TRP A 4 -0.10 3.34 -4.15
C TRP A 4 -0.77 2.50 -2.98
N PHE A 5 -1.20 1.24 -3.18
CA PHE A 5 -1.51 0.27 -2.08
C PHE A 5 -0.34 -0.06 -1.09
N SER A 6 0.93 -0.10 -1.56
CA SER A 6 2.11 0.02 -0.67
C SER A 6 2.17 1.28 0.27
N LYS A 7 1.49 2.40 -0.06
CA LYS A 7 1.10 3.45 0.92
C LYS A 7 -0.34 3.32 1.57
N PHE A 8 -1.33 2.74 0.88
CA PHE A 8 -2.74 2.59 1.36
C PHE A 8 -3.04 1.09 1.70
N GLY A 10 -0.33 -1.50 2.57
CA GLY A 10 1.06 -2.00 2.81
C GLY A 10 2.04 -1.12 3.64
N ARG A 11 1.75 0.16 3.91
CA ARG A 11 2.60 1.03 4.80
C ARG A 11 2.44 0.81 6.35
N ILE A 12 1.36 0.16 6.80
CA ILE A 12 1.01 0.01 8.25
C ILE A 12 1.65 -1.34 8.76
N LEU A 13 1.08 -2.49 8.34
CA LEU A 13 1.52 -3.84 8.81
C LEU A 13 2.89 -4.33 8.21
N PHE A 1 -3.48 -5.30 -8.16
CA PHE A 1 -4.06 -4.13 -7.44
C PHE A 1 -3.25 -2.82 -7.76
N VAL A 2 -3.78 -1.66 -7.33
CA VAL A 2 -3.05 -0.34 -7.38
C VAL A 2 -1.58 -0.35 -6.78
N PRO A 3 -0.52 0.25 -7.42
CA PRO A 3 0.86 0.28 -6.85
C PRO A 3 1.07 1.10 -5.52
N TRP A 4 0.30 2.19 -5.36
CA TRP A 4 0.01 2.85 -4.06
C TRP A 4 -0.55 1.94 -2.91
N PHE A 5 -0.87 0.63 -3.07
CA PHE A 5 -0.97 -0.34 -1.94
C PHE A 5 0.17 -0.33 -0.87
N SER A 6 1.46 -0.19 -1.25
CA SER A 6 2.53 0.14 -0.26
C SER A 6 2.38 1.48 0.57
N LYS A 7 1.56 2.45 0.11
CA LYS A 7 1.01 3.55 0.96
C LYS A 7 -0.46 3.36 1.50
N PHE A 8 -1.32 2.59 0.80
CA PHE A 8 -2.73 2.28 1.17
C PHE A 8 -2.86 0.75 1.50
N GLY A 10 -0.18 -1.61 2.76
CA GLY A 10 1.22 -1.97 3.14
C GLY A 10 2.09 -0.93 3.90
N ARG A 11 1.64 0.32 4.09
CA ARG A 11 2.33 1.30 5.01
C ARG A 11 2.16 1.07 6.54
N ILE A 12 1.14 0.32 6.98
CA ILE A 12 0.77 0.12 8.41
C ILE A 12 1.57 -1.12 8.96
N LEU A 13 1.19 -2.35 8.53
CA LEU A 13 1.80 -3.61 9.04
C LEU A 13 3.25 -3.91 8.53
N PHE A 1 -3.70 -4.77 -9.08
CA PHE A 1 -4.25 -3.88 -8.02
C PHE A 1 -3.59 -2.45 -8.07
N VAL A 2 -4.03 -1.56 -7.17
CA VAL A 2 -3.40 -0.23 -6.88
C VAL A 2 -1.81 -0.27 -6.78
N PRO A 3 -0.98 0.53 -7.52
CA PRO A 3 0.51 0.53 -7.36
C PRO A 3 1.07 1.15 -6.03
N TRP A 4 0.47 2.27 -5.59
CA TRP A 4 0.47 2.75 -4.18
C TRP A 4 -0.18 1.80 -3.09
N PHE A 5 -0.21 0.46 -3.26
CA PHE A 5 -0.62 -0.50 -2.19
C PHE A 5 0.32 -0.57 -0.96
N SER A 6 1.65 -0.45 -1.17
CA SER A 6 2.60 -0.08 -0.10
C SER A 6 2.30 1.24 0.69
N LYS A 7 1.61 2.24 0.12
CA LYS A 7 0.95 3.34 0.90
C LYS A 7 -0.51 3.04 1.40
N PHE A 8 -1.34 2.32 0.64
CA PHE A 8 -2.75 1.98 1.01
C PHE A 8 -2.93 0.50 1.51
N GLY A 10 0.15 -1.57 2.91
CA GLY A 10 1.55 -1.83 3.39
C GLY A 10 2.24 -0.77 4.29
N ARG A 11 1.68 0.43 4.47
CA ARG A 11 2.23 1.50 5.37
C ARG A 11 1.87 1.35 6.90
N ILE A 12 0.95 0.45 7.26
CA ILE A 12 0.47 0.20 8.64
C ILE A 12 1.35 -0.95 9.26
N LEU A 13 1.15 -2.20 8.81
CA LEU A 13 1.82 -3.41 9.37
C LEU A 13 3.33 -3.55 8.96
N PHE A 1 -3.75 -4.75 -9.08
CA PHE A 1 -4.29 -3.83 -8.05
C PHE A 1 -3.56 -2.44 -8.09
N VAL A 2 -4.02 -1.50 -7.24
CA VAL A 2 -3.37 -0.18 -6.94
C VAL A 2 -1.78 -0.24 -6.80
N PRO A 3 -0.91 0.52 -7.54
CA PRO A 3 0.58 0.49 -7.33
C PRO A 3 1.11 1.11 -5.99
N TRP A 4 0.50 2.24 -5.57
CA TRP A 4 0.46 2.74 -4.17
C TRP A 4 -0.19 1.79 -3.09
N PHE A 5 -0.25 0.45 -3.27
CA PHE A 5 -0.67 -0.52 -2.20
C PHE A 5 0.28 -0.60 -0.96
N SER A 6 1.60 -0.51 -1.17
CA SER A 6 2.57 -0.15 -0.09
C SER A 6 2.29 1.17 0.70
N LYS A 7 1.56 2.16 0.14
CA LYS A 7 0.97 3.30 0.91
C LYS A 7 -0.53 3.09 1.38
N PHE A 8 -1.36 2.33 0.65
CA PHE A 8 -2.77 2.01 1.04
C PHE A 8 -2.94 0.53 1.53
N GLY A 10 0.12 -1.58 2.91
CA GLY A 10 1.50 -1.84 3.40
C GLY A 10 2.22 -0.76 4.27
N ARG A 11 1.65 0.45 4.44
CA ARG A 11 2.21 1.51 5.36
C ARG A 11 1.88 1.36 6.89
N ILE A 12 0.96 0.45 7.25
CA ILE A 12 0.52 0.20 8.65
C ILE A 12 1.41 -0.94 9.25
N LEU A 13 1.21 -2.21 8.82
CA LEU A 13 1.90 -3.39 9.37
C LEU A 13 3.40 -3.54 8.94
N PHE A 1 -3.24 -5.22 -8.43
CA PHE A 1 -3.98 -4.17 -7.68
C PHE A 1 -3.27 -2.78 -7.84
N VAL A 2 -3.77 -1.73 -7.13
CA VAL A 2 -3.17 -0.36 -7.16
C VAL A 2 -1.67 -0.31 -6.69
N PRO A 3 -0.66 0.31 -7.39
CA PRO A 3 0.76 0.32 -6.92
C PRO A 3 1.06 1.10 -5.59
N TRP A 4 0.31 2.20 -5.37
CA TRP A 4 0.08 2.82 -4.03
C TRP A 4 -0.47 1.89 -2.89
N PHE A 5 -0.74 0.57 -3.04
CA PHE A 5 -0.89 -0.38 -1.90
C PHE A 5 0.24 -0.37 -0.82
N SER A 6 1.53 -0.25 -1.18
CA SER A 6 2.60 0.12 -0.20
C SER A 6 2.42 1.45 0.62
N LYS A 7 1.60 2.41 0.16
CA LYS A 7 1.06 3.52 0.99
C LYS A 7 -0.43 3.36 1.52
N PHE A 8 -1.27 2.59 0.83
CA PHE A 8 -2.69 2.28 1.19
C PHE A 8 -2.82 0.75 1.51
N GLY A 10 -0.15 -1.62 2.80
CA GLY A 10 1.25 -1.97 3.19
C GLY A 10 2.11 -0.91 3.93
N ARG A 11 1.66 0.35 4.13
CA ARG A 11 2.35 1.32 5.04
C ARG A 11 2.17 1.10 6.58
N ILE A 12 1.14 0.35 7.00
CA ILE A 12 0.76 0.15 8.44
C ILE A 12 1.56 -1.08 8.99
N LEU A 13 1.18 -2.31 8.56
CA LEU A 13 1.76 -3.58 9.09
C LEU A 13 3.21 -3.90 8.58
N PHE A 1 -2.26 -5.68 -8.02
CA PHE A 1 -3.10 -4.72 -7.25
C PHE A 1 -2.66 -3.24 -7.51
N VAL A 2 -3.41 -2.27 -6.95
CA VAL A 2 -3.05 -0.82 -6.88
C VAL A 2 -1.54 -0.51 -6.45
N PRO A 3 -0.71 0.34 -7.15
CA PRO A 3 0.71 0.58 -6.76
C PRO A 3 0.92 1.42 -5.46
N TRP A 4 0.25 2.56 -5.36
CA TRP A 4 -0.06 3.28 -4.07
C TRP A 4 -0.74 2.43 -2.92
N PHE A 5 -1.17 1.17 -3.12
CA PHE A 5 -1.55 0.24 -2.01
C PHE A 5 -0.40 -0.12 -1.01
N SER A 6 0.86 -0.24 -1.47
CA SER A 6 2.05 -0.15 -0.57
C SER A 6 2.18 1.14 0.32
N LYS A 7 1.57 2.28 -0.04
CA LYS A 7 1.23 3.37 0.92
C LYS A 7 -0.17 3.24 1.62
N PHE A 8 -1.25 2.83 0.92
CA PHE A 8 -2.64 2.80 1.46
C PHE A 8 -3.10 1.39 1.97
N GLY A 10 -0.36 -1.42 2.70
CA GLY A 10 1.00 -2.00 2.93
C GLY A 10 2.04 -1.18 3.73
N ARG A 11 1.84 0.13 3.98
CA ARG A 11 2.76 0.96 4.84
C ARG A 11 2.58 0.81 6.39
N ILE A 12 1.46 0.25 6.87
CA ILE A 12 1.12 0.14 8.31
C ILE A 12 1.68 -1.22 8.85
N LEU A 13 1.04 -2.35 8.46
CA LEU A 13 1.39 -3.71 8.96
C LEU A 13 2.72 -4.31 8.36
N PHE A 1 -1.86 -6.01 -7.19
CA PHE A 1 -2.80 -5.02 -6.61
C PHE A 1 -2.39 -3.55 -7.01
N VAL A 2 -3.22 -2.58 -6.60
CA VAL A 2 -2.93 -1.10 -6.67
C VAL A 2 -1.45 -0.67 -6.25
N PRO A 3 -0.69 0.21 -6.99
CA PRO A 3 0.73 0.55 -6.63
C PRO A 3 0.90 1.46 -5.37
N TRP A 4 0.16 2.59 -5.34
CA TRP A 4 -0.16 3.36 -4.09
C TRP A 4 -0.73 2.55 -2.88
N PHE A 5 -1.23 1.30 -3.02
CA PHE A 5 -1.54 0.40 -1.88
C PHE A 5 -0.36 0.07 -0.92
N SER A 6 0.89 -0.10 -1.40
CA SER A 6 2.12 0.01 -0.55
C SER A 6 2.30 1.31 0.33
N LYS A 7 1.61 2.41 0.01
CA LYS A 7 1.42 3.60 0.90
C LYS A 7 -0.02 3.76 1.54
N PHE A 8 -1.08 3.19 0.93
CA PHE A 8 -2.48 3.16 1.44
C PHE A 8 -2.90 1.67 1.72
N GLY A 10 -0.65 -1.31 2.59
CA GLY A 10 0.67 -1.98 2.82
C GLY A 10 1.79 -1.19 3.54
N ARG A 11 1.66 0.12 3.80
CA ARG A 11 2.60 0.87 4.69
C ARG A 11 2.52 0.56 6.23
N ILE A 12 1.39 0.01 6.72
CA ILE A 12 1.14 -0.23 8.17
C ILE A 12 1.71 -1.62 8.57
N LEU A 13 1.06 -2.72 8.13
CA LEU A 13 1.45 -4.11 8.51
C LEU A 13 2.77 -4.63 7.85
N PHE A 1 -3.58 -5.06 -6.28
CA PHE A 1 -4.17 -3.94 -7.07
C PHE A 1 -3.48 -2.59 -6.69
N VAL A 2 -3.37 -1.65 -7.64
CA VAL A 2 -2.89 -0.24 -7.36
C VAL A 2 -1.33 -0.19 -7.09
N PRO A 3 -0.45 0.64 -7.74
CA PRO A 3 0.99 0.76 -7.32
C PRO A 3 1.25 1.40 -5.90
N TRP A 4 0.43 2.40 -5.54
CA TRP A 4 0.25 2.93 -4.16
C TRP A 4 -0.31 1.93 -3.07
N PHE A 5 -0.40 0.59 -3.29
CA PHE A 5 -0.75 -0.41 -2.21
C PHE A 5 0.29 -0.52 -1.05
N SER A 6 1.61 -0.34 -1.32
CA SER A 6 2.61 0.05 -0.28
C SER A 6 2.33 1.35 0.55
N LYS A 7 1.48 2.29 0.07
CA LYS A 7 0.84 3.34 0.92
C LYS A 7 -0.63 3.06 1.40
N PHE A 8 -1.42 2.25 0.67
CA PHE A 8 -2.81 1.85 1.04
C PHE A 8 -2.87 0.33 1.43
N GLY A 10 0.17 -1.68 2.73
CA GLY A 10 1.58 -1.92 3.14
C GLY A 10 2.31 -0.84 4.00
N ARG A 11 1.77 0.37 4.18
CA ARG A 11 2.34 1.39 5.12
C ARG A 11 2.03 1.20 6.65
N ILE A 12 1.01 0.40 7.00
CA ILE A 12 0.53 0.22 8.40
C ILE A 12 1.31 -0.97 9.06
N LEU A 13 1.01 -2.21 8.64
CA LEU A 13 1.62 -3.45 9.23
C LEU A 13 3.11 -3.71 8.82
N PHE A 1 -3.65 -4.90 -8.42
CA PHE A 1 -4.24 -3.74 -7.69
C PHE A 1 -3.37 -2.44 -7.89
N VAL A 2 -3.78 -1.33 -7.25
CA VAL A 2 -3.02 -0.04 -7.16
C VAL A 2 -1.46 -0.22 -6.87
N PRO A 3 -0.46 0.43 -7.54
CA PRO A 3 0.99 0.29 -7.19
C PRO A 3 1.42 0.90 -5.81
N TRP A 4 0.87 2.08 -5.47
CA TRP A 4 0.78 2.61 -4.08
C TRP A 4 -0.05 1.76 -3.04
N PHE A 5 -0.24 0.43 -3.20
CA PHE A 5 -0.79 -0.47 -2.12
C PHE A 5 0.10 -0.60 -0.85
N SER A 6 1.45 -0.61 -0.98
CA SER A 6 2.37 -0.31 0.14
C SER A 6 2.20 1.07 0.88
N LYS A 7 1.54 2.09 0.26
CA LYS A 7 0.92 3.23 1.00
C LYS A 7 -0.60 3.02 1.36
N PHE A 8 -1.45 2.48 0.48
CA PHE A 8 -2.89 2.23 0.73
C PHE A 8 -3.20 0.74 1.08
N GLY A 10 -0.69 -1.56 2.86
CA GLY A 10 0.60 -2.00 3.46
C GLY A 10 1.48 -0.96 4.22
N ARG A 11 1.02 0.29 4.46
CA ARG A 11 1.79 1.29 5.29
C ARG A 11 1.84 1.06 6.84
N ILE A 12 0.97 0.19 7.36
CA ILE A 12 0.81 -0.10 8.82
C ILE A 12 1.96 -1.04 9.30
N LEU A 13 1.94 -2.32 8.87
CA LEU A 13 2.96 -3.34 9.23
C LEU A 13 4.33 -3.17 8.49
N PHE A 1 -5.07 -4.55 -8.88
CA PHE A 1 -4.48 -3.87 -7.69
C PHE A 1 -3.54 -2.70 -8.11
N VAL A 2 -3.32 -1.74 -7.20
CA VAL A 2 -2.53 -0.50 -7.46
C VAL A 2 -1.11 -0.57 -6.77
N PRO A 3 0.02 -0.04 -7.35
CA PRO A 3 1.35 -0.02 -6.65
C PRO A 3 1.45 0.85 -5.36
N TRP A 4 0.67 1.94 -5.29
CA TRP A 4 0.32 2.67 -4.04
C TRP A 4 -0.35 1.81 -2.90
N PHE A 5 -0.72 0.52 -3.06
CA PHE A 5 -0.98 -0.43 -1.94
C PHE A 5 0.04 -0.45 -0.76
N SER A 6 1.38 -0.39 -0.99
CA SER A 6 2.37 -0.09 0.10
C SER A 6 2.17 1.23 0.95
N LYS A 7 1.33 2.16 0.47
CA LYS A 7 0.89 3.40 1.15
C LYS A 7 -0.66 3.41 1.49
N PHE A 8 -1.51 2.77 0.67
CA PHE A 8 -2.95 2.49 0.90
C PHE A 8 -3.15 0.97 1.20
N GLY A 10 -0.71 -1.44 2.86
CA GLY A 10 0.58 -1.91 3.44
C GLY A 10 1.49 -0.87 4.16
N ARG A 11 1.02 0.36 4.43
CA ARG A 11 1.79 1.36 5.28
C ARG A 11 1.87 1.06 6.81
N ILE A 12 1.00 0.18 7.32
CA ILE A 12 0.88 -0.19 8.76
C ILE A 12 2.06 -1.15 9.16
N LEU A 13 2.03 -2.40 8.69
CA LEU A 13 3.05 -3.45 9.00
C LEU A 13 4.42 -3.23 8.26
#